data_4PB9
#
_entry.id   4PB9
#
_cell.length_a   154.571
_cell.length_b   154.571
_cell.length_c   58.264
_cell.angle_alpha   90.000
_cell.angle_beta   90.000
_cell.angle_gamma   120.000
#
_symmetry.space_group_name_H-M   'H 3'
#
loop_
_entity.id
_entity.type
_entity.pdbx_description
1 polymer 'Ab64 heavy chain'
2 polymer 'Ab64 light chain'
3 non-polymer 'SULFATE ION'
4 water water
#
loop_
_entity_poly.entity_id
_entity_poly.type
_entity_poly.pdbx_seq_one_letter_code
_entity_poly.pdbx_strand_id
1 'polypeptide(L)'
;EVQLLESGPELVRLGASVKVSCKASGYSFTDYNMYWVKQSHGKSLEWIGYIDPYNGDASYNQKFKGKATLTVDKSSSTAF
MHLNSLTSEDSAVYYCARTGYYYGRSYAMDYWGQGTSVTVSSAKTAAPSVYPLAPVCGDTTGSSVTLGCLVKGYFPEPVT
LTWNSGSLSSGVHTFPAVLQSDLYTLSSSVTVTSSTWPSQSITCNVAHPASSTKVDKKIEPR
;
H
2 'polypeptide(L)'
;DIVMTQAAPSVPVTPGESVSISCRSSKSLLHSNGNTYLYWFLQRPGQSPQLLIYRMSNLASGVPDRFSGSGSGTAFTLRI
SKVEAEDVGVYYCMQHLEYPYTFGGGTKLDVKRADAAPTVSIFPPSSEQLTSGGASVVCFLNNFYPKDINVKWKIDGSER
QNGVLNSWTDQDSKDSTYSMSSTLTLTKDEYERHNSYTCEATHKTSTSPIVKSFNRNEC
;
L
#
# COMPACT_ATOMS: atom_id res chain seq x y z
N GLU A 1 -11.30 7.80 -21.24
CA GLU A 1 -11.01 7.29 -19.91
C GLU A 1 -11.11 8.37 -18.84
N VAL A 2 -11.91 8.09 -17.82
CA VAL A 2 -12.13 9.02 -16.74
C VAL A 2 -10.91 9.12 -15.82
N GLN A 3 -10.39 10.33 -15.65
CA GLN A 3 -9.20 10.57 -14.83
C GLN A 3 -9.49 11.48 -13.64
N LEU A 4 -9.11 11.05 -12.45
CA LEU A 4 -9.14 11.93 -11.28
C LEU A 4 -7.73 12.12 -10.74
N LEU A 5 -7.21 13.33 -10.85
CA LEU A 5 -5.84 13.62 -10.42
C LEU A 5 -5.82 14.42 -9.13
N GLU A 6 -5.25 13.82 -8.07
CA GLU A 6 -5.27 14.42 -6.74
C GLU A 6 -3.98 15.14 -6.41
N SER A 7 -4.05 16.04 -5.43
CA SER A 7 -2.87 16.74 -4.92
C SER A 7 -1.84 15.76 -4.38
N GLY A 8 -0.57 16.18 -4.40
CA GLY A 8 0.50 15.38 -3.85
C GLY A 8 0.42 15.24 -2.35
N PRO A 9 1.31 14.41 -1.79
CA PRO A 9 1.41 14.17 -0.35
C PRO A 9 1.67 15.47 0.39
N GLU A 10 1.21 15.54 1.63
CA GLU A 10 1.29 16.76 2.39
C GLU A 10 1.74 16.47 3.82
N LEU A 11 2.59 17.34 4.36
CA LEU A 11 3.00 17.27 5.75
C LEU A 11 2.43 18.47 6.49
N VAL A 12 1.56 18.23 7.46
CA VAL A 12 0.88 19.32 8.14
C VAL A 12 1.17 19.32 9.64
N ARG A 13 1.42 20.50 10.19
CA ARG A 13 1.66 20.66 11.62
C ARG A 13 0.35 20.48 12.38
N LEU A 14 0.46 20.02 13.63
CA LEU A 14 -0.72 19.79 14.46
C LEU A 14 -1.52 21.07 14.65
N GLY A 15 -2.83 20.99 14.42
CA GLY A 15 -3.72 22.11 14.62
C GLY A 15 -3.92 22.94 13.36
N ALA A 16 -3.01 22.75 12.40
CA ALA A 16 -3.08 23.49 11.14
C ALA A 16 -4.13 22.90 10.23
N SER A 17 -4.21 23.43 9.01
CA SER A 17 -5.20 22.95 8.07
C SER A 17 -4.56 22.60 6.73
N VAL A 18 -5.24 21.75 5.96
CA VAL A 18 -4.76 21.36 4.64
C VAL A 18 -5.93 21.36 3.65
N LYS A 19 -5.62 21.65 2.39
CA LYS A 19 -6.61 21.65 1.34
C LYS A 19 -6.12 20.79 0.18
N VAL A 20 -6.76 19.64 0.01
CA VAL A 20 -6.38 18.73 -1.07
C VAL A 20 -7.31 18.90 -2.26
N SER A 21 -6.78 18.71 -3.46
CA SER A 21 -7.53 18.97 -4.67
C SER A 21 -7.68 17.73 -5.53
N CYS A 22 -8.74 17.72 -6.33
CA CYS A 22 -9.05 16.60 -7.20
C CYS A 22 -9.51 17.10 -8.57
N LYS A 23 -8.59 17.13 -9.54
CA LYS A 23 -8.93 17.62 -10.88
C LYS A 23 -9.45 16.51 -11.79
N ALA A 24 -10.66 16.72 -12.29
CA ALA A 24 -11.35 15.73 -13.11
C ALA A 24 -11.13 15.97 -14.62
N SER A 25 -11.13 14.89 -15.40
CA SER A 25 -11.10 14.98 -16.85
C SER A 25 -11.69 13.73 -17.49
N GLY A 26 -12.12 13.85 -18.74
CA GLY A 26 -12.70 12.73 -19.46
C GLY A 26 -14.21 12.68 -19.38
N TYR A 27 -14.79 13.67 -18.70
CA TYR A 27 -16.24 13.81 -18.57
C TYR A 27 -16.58 15.22 -18.14
N SER A 28 -17.84 15.62 -18.28
CA SER A 28 -18.29 16.92 -17.80
C SER A 28 -18.32 16.96 -16.27
N PHE A 29 -17.38 17.72 -15.69
CA PHE A 29 -17.20 17.79 -14.25
C PHE A 29 -18.47 18.13 -13.44
N THR A 30 -19.27 19.07 -13.93
CA THR A 30 -20.44 19.50 -13.15
C THR A 30 -21.59 18.52 -13.20
N ASP A 31 -21.50 17.49 -14.03
CA ASP A 31 -22.61 16.53 -14.18
C ASP A 31 -22.72 15.54 -13.04
N TYR A 32 -21.64 15.30 -12.31
CA TYR A 32 -21.64 14.24 -11.31
C TYR A 32 -21.13 14.70 -9.95
N ASN A 33 -21.67 14.10 -8.89
CA ASN A 33 -21.24 14.44 -7.54
C ASN A 33 -19.85 13.88 -7.28
N MET A 34 -19.04 14.63 -6.54
CA MET A 34 -17.73 14.15 -6.13
C MET A 34 -17.79 13.65 -4.70
N TYR A 35 -17.50 12.37 -4.50
CA TYR A 35 -17.45 11.80 -3.15
C TYR A 35 -16.05 11.92 -2.60
N TRP A 36 -15.94 11.83 -1.28
CA TRP A 36 -14.65 11.82 -0.61
C TRP A 36 -14.60 10.74 0.44
N VAL A 37 -13.49 10.02 0.47
CA VAL A 37 -13.34 8.87 1.35
C VAL A 37 -12.03 8.93 2.09
N LYS A 38 -12.08 8.68 3.39
CA LYS A 38 -10.86 8.54 4.17
C LYS A 38 -10.49 7.08 4.36
N GLN A 39 -9.26 6.74 4.02
CA GLN A 39 -8.72 5.43 4.34
C GLN A 39 -7.59 5.54 5.37
N SER A 40 -7.77 4.86 6.49
CA SER A 40 -6.80 4.85 7.57
C SER A 40 -5.65 3.87 7.28
N HIS A 41 -4.62 3.89 8.12
CA HIS A 41 -3.46 3.02 7.90
C HIS A 41 -3.83 1.55 8.04
N GLY A 42 -4.94 1.27 8.71
CA GLY A 42 -5.47 -0.08 8.78
C GLY A 42 -6.37 -0.39 7.61
N LYS A 43 -6.15 0.31 6.49
CA LYS A 43 -6.87 0.14 5.23
C LYS A 43 -8.40 0.06 5.34
N SER A 44 -8.95 0.58 6.43
CA SER A 44 -10.41 0.69 6.57
C SER A 44 -10.93 1.96 5.89
N LEU A 45 -12.14 1.89 5.35
CA LEU A 45 -12.71 2.98 4.53
C LEU A 45 -13.87 3.69 5.23
N GLU A 46 -13.88 5.02 5.16
CA GLU A 46 -14.99 5.82 5.68
C GLU A 46 -15.45 6.88 4.70
N TRP A 47 -16.76 7.01 4.54
CA TRP A 47 -17.32 8.03 3.65
C TRP A 47 -17.36 9.37 4.37
N ILE A 48 -16.73 10.38 3.79
CA ILE A 48 -16.59 11.68 4.42
C ILE A 48 -17.76 12.59 4.06
N GLY A 49 -18.07 12.64 2.78
CA GLY A 49 -19.16 13.47 2.29
C GLY A 49 -19.11 13.54 0.78
N TYR A 50 -20.02 14.31 0.20
CA TYR A 50 -20.01 14.52 -1.23
C TYR A 50 -20.40 15.95 -1.55
N ILE A 51 -20.07 16.39 -2.76
CA ILE A 51 -20.38 17.73 -3.22
C ILE A 51 -20.98 17.64 -4.63
N ASP A 52 -22.05 18.40 -4.86
CA ASP A 52 -22.61 18.55 -6.19
C ASP A 52 -21.96 19.77 -6.81
N PRO A 53 -21.11 19.57 -7.83
CA PRO A 53 -20.33 20.68 -8.37
C PRO A 53 -21.21 21.72 -9.05
N TYR A 54 -22.42 21.36 -9.43
CA TYR A 54 -23.30 22.30 -10.10
C TYR A 54 -23.82 23.35 -9.11
N ASN A 55 -24.83 23.00 -8.33
CA ASN A 55 -25.42 23.93 -7.37
C ASN A 55 -24.50 24.22 -6.18
N GLY A 56 -23.69 23.23 -5.83
CA GLY A 56 -22.73 23.40 -4.75
C GLY A 56 -23.18 22.92 -3.40
N ASP A 57 -24.35 22.28 -3.32
CA ASP A 57 -24.79 21.74 -2.03
C ASP A 57 -24.02 20.47 -1.70
N ALA A 58 -23.69 20.30 -0.44
CA ALA A 58 -22.85 19.20 0.00
C ALA A 58 -23.41 18.54 1.25
N SER A 59 -23.52 17.22 1.22
CA SER A 59 -23.92 16.46 2.39
C SER A 59 -22.68 15.88 3.07
N TYR A 60 -22.70 15.80 4.40
CA TYR A 60 -21.52 15.35 5.14
C TYR A 60 -21.82 14.18 6.09
N ASN A 61 -20.80 13.36 6.34
CA ASN A 61 -20.87 12.37 7.42
C ASN A 61 -20.83 13.10 8.76
N GLN A 62 -21.63 12.62 9.72
CA GLN A 62 -21.72 13.22 11.04
C GLN A 62 -20.38 13.25 11.77
N LYS A 63 -19.55 12.22 11.55
CA LYS A 63 -18.26 12.10 12.22
C LYS A 63 -17.27 13.14 11.72
N PHE A 64 -17.41 13.54 10.45
CA PHE A 64 -16.50 14.49 9.84
C PHE A 64 -17.14 15.88 9.71
N LYS A 65 -18.32 16.03 10.28
CA LYS A 65 -19.00 17.32 10.30
C LYS A 65 -18.20 18.31 11.14
N GLY A 66 -17.85 19.44 10.54
CA GLY A 66 -17.07 20.46 11.22
C GLY A 66 -15.58 20.37 10.96
N LYS A 67 -15.13 19.27 10.38
CA LYS A 67 -13.71 19.08 10.11
C LYS A 67 -13.41 19.14 8.61
N ALA A 68 -14.33 18.62 7.82
CA ALA A 68 -14.18 18.63 6.37
C ALA A 68 -15.06 19.69 5.74
N THR A 69 -14.53 20.37 4.72
CA THR A 69 -15.31 21.31 3.93
C THR A 69 -15.04 21.07 2.45
N LEU A 70 -16.10 20.84 1.69
CA LEU A 70 -15.95 20.52 0.27
C LEU A 70 -16.32 21.71 -0.61
N THR A 71 -15.45 22.02 -1.56
CA THR A 71 -15.70 23.10 -2.50
C THR A 71 -15.33 22.65 -3.91
N VAL A 72 -15.57 23.52 -4.88
CA VAL A 72 -15.42 23.15 -6.27
C VAL A 72 -15.02 24.36 -7.12
N ASP A 73 -14.21 24.11 -8.14
CA ASP A 73 -13.84 25.14 -9.10
C ASP A 73 -14.20 24.68 -10.51
N LYS A 74 -15.29 25.21 -11.06
CA LYS A 74 -15.76 24.82 -12.38
C LYS A 74 -14.79 25.21 -13.50
N SER A 75 -14.01 26.26 -13.27
CA SER A 75 -13.11 26.75 -14.31
C SER A 75 -11.90 25.85 -14.49
N SER A 76 -11.61 25.02 -13.48
CA SER A 76 -10.48 24.11 -13.58
C SER A 76 -10.91 22.67 -13.31
N SER A 77 -12.22 22.44 -13.32
CA SER A 77 -12.81 21.12 -13.10
C SER A 77 -12.19 20.42 -11.90
N THR A 78 -12.18 21.09 -10.77
CA THR A 78 -11.48 20.58 -9.60
C THR A 78 -12.37 20.60 -8.36
N ALA A 79 -12.39 19.50 -7.64
CA ALA A 79 -13.04 19.47 -6.32
C ALA A 79 -11.97 19.62 -5.25
N PHE A 80 -12.34 20.21 -4.12
CA PHE A 80 -11.39 20.45 -3.03
C PHE A 80 -11.91 19.94 -1.71
N MET A 81 -11.01 19.43 -0.88
CA MET A 81 -11.36 19.08 0.48
C MET A 81 -10.45 19.80 1.47
N HIS A 82 -11.06 20.60 2.32
CA HIS A 82 -10.37 21.33 3.37
C HIS A 82 -10.53 20.59 4.69
N LEU A 83 -9.43 20.42 5.42
CA LEU A 83 -9.48 19.80 6.73
C LEU A 83 -8.79 20.71 7.74
N ASN A 84 -9.54 21.20 8.73
CA ASN A 84 -8.97 22.12 9.72
C ASN A 84 -8.69 21.46 11.06
N SER A 85 -7.92 22.17 11.90
CA SER A 85 -7.51 21.70 13.23
C SER A 85 -7.10 20.23 13.26
N LEU A 86 -6.08 19.91 12.47
CA LEU A 86 -5.68 18.51 12.26
C LEU A 86 -4.99 17.90 13.48
N THR A 87 -5.34 16.65 13.77
CA THR A 87 -4.66 15.89 14.82
C THR A 87 -4.05 14.63 14.22
N SER A 88 -3.38 13.83 15.05
CA SER A 88 -2.75 12.60 14.59
C SER A 88 -3.77 11.63 13.98
N GLU A 89 -5.01 11.69 14.45
CA GLU A 89 -6.04 10.79 13.95
C GLU A 89 -6.49 11.16 12.54
N ASP A 90 -6.06 12.34 12.09
CA ASP A 90 -6.37 12.81 10.74
C ASP A 90 -5.31 12.38 9.75
N SER A 91 -4.24 11.78 10.26
CA SER A 91 -3.16 11.30 9.41
C SER A 91 -3.63 10.05 8.66
N ALA A 92 -3.90 10.20 7.37
CA ALA A 92 -4.42 9.09 6.56
C ALA A 92 -4.33 9.39 5.07
N VAL A 93 -4.89 8.49 4.26
CA VAL A 93 -4.99 8.72 2.83
C VAL A 93 -6.40 9.14 2.47
N TYR A 94 -6.53 10.22 1.72
CA TYR A 94 -7.87 10.69 1.37
C TYR A 94 -8.11 10.54 -0.11
N TYR A 95 -9.23 9.92 -0.44
CA TYR A 95 -9.62 9.71 -1.82
C TYR A 95 -10.79 10.60 -2.19
N CYS A 96 -10.74 11.12 -3.41
CA CYS A 96 -11.94 11.63 -4.06
C CYS A 96 -12.41 10.54 -5.02
N ALA A 97 -13.69 10.54 -5.37
CA ALA A 97 -14.20 9.61 -6.36
C ALA A 97 -15.55 10.07 -6.92
N ARG A 98 -15.67 10.01 -8.25
CA ARG A 98 -16.90 10.37 -8.93
C ARG A 98 -18.01 9.38 -8.64
N THR A 99 -19.25 9.88 -8.57
CA THR A 99 -20.40 8.99 -8.50
C THR A 99 -21.25 9.23 -9.74
N GLY A 100 -21.37 8.19 -10.56
CA GLY A 100 -22.13 8.29 -11.79
C GLY A 100 -23.60 8.52 -11.54
N TYR A 101 -24.28 9.09 -12.53
CA TYR A 101 -25.73 9.21 -12.50
C TYR A 101 -26.26 9.17 -13.93
N TYR A 102 -27.05 8.14 -14.23
CA TYR A 102 -27.61 8.01 -15.57
C TYR A 102 -29.06 7.56 -15.54
N TYR A 103 -29.92 8.35 -16.18
CA TYR A 103 -31.32 7.98 -16.38
C TYR A 103 -32.05 7.65 -15.08
N GLY A 104 -31.72 8.38 -14.02
CA GLY A 104 -32.41 8.23 -12.76
C GLY A 104 -31.79 7.28 -11.77
N ARG A 105 -30.67 6.66 -12.14
CA ARG A 105 -29.97 5.74 -11.25
C ARG A 105 -28.58 6.23 -10.93
N SER A 106 -28.06 5.85 -9.78
CA SER A 106 -26.74 6.26 -9.35
C SER A 106 -25.72 5.13 -9.43
N TYR A 107 -24.46 5.51 -9.64
CA TYR A 107 -23.31 4.60 -9.65
C TYR A 107 -22.27 5.11 -8.69
N ALA A 108 -22.35 4.67 -7.44
CA ALA A 108 -21.52 5.25 -6.39
C ALA A 108 -20.05 4.94 -6.54
N MET A 109 -19.24 6.00 -6.60
CA MET A 109 -17.79 5.92 -6.54
C MET A 109 -17.22 4.97 -7.59
N ASP A 110 -17.65 5.18 -8.84
CA ASP A 110 -17.30 4.28 -9.92
C ASP A 110 -15.86 4.50 -10.44
N TYR A 111 -15.28 5.66 -10.14
CA TYR A 111 -13.89 5.93 -10.50
C TYR A 111 -13.19 6.75 -9.41
N TRP A 112 -12.00 6.31 -9.01
CA TRP A 112 -11.29 6.93 -7.90
C TRP A 112 -9.98 7.58 -8.31
N GLY A 113 -9.63 8.67 -7.63
CA GLY A 113 -8.31 9.27 -7.75
C GLY A 113 -7.24 8.41 -7.09
N GLN A 114 -5.98 8.81 -7.26
CA GLN A 114 -4.86 8.02 -6.74
C GLN A 114 -4.70 8.18 -5.24
N GLY A 115 -5.45 9.12 -4.66
CA GLY A 115 -5.40 9.35 -3.24
C GLY A 115 -4.35 10.36 -2.87
N THR A 116 -4.48 10.91 -1.66
CA THR A 116 -3.54 11.90 -1.15
C THR A 116 -3.17 11.57 0.28
N SER A 117 -1.91 11.21 0.49
CA SER A 117 -1.49 10.86 1.84
C SER A 117 -1.26 12.11 2.68
N VAL A 118 -1.88 12.15 3.85
CA VAL A 118 -1.69 13.27 4.77
C VAL A 118 -0.99 12.83 6.04
N THR A 119 0.06 13.56 6.41
CA THR A 119 0.82 13.28 7.62
C THR A 119 0.74 14.46 8.58
N VAL A 120 0.25 14.20 9.78
CA VAL A 120 0.18 15.22 10.81
C VAL A 120 1.24 14.95 11.87
N SER A 121 2.28 15.78 11.90
CA SER A 121 3.37 15.60 12.86
C SER A 121 4.16 16.88 13.08
N SER A 122 4.67 17.05 14.30
CA SER A 122 5.48 18.21 14.65
C SER A 122 6.90 18.07 14.12
N ALA A 123 7.28 16.86 13.73
CA ALA A 123 8.65 16.60 13.28
C ALA A 123 8.99 17.44 12.07
N LYS A 124 10.28 17.69 11.87
CA LYS A 124 10.70 18.45 10.70
C LYS A 124 11.24 17.50 9.65
N THR A 125 11.18 17.92 8.38
CA THR A 125 11.65 17.12 7.27
C THR A 125 13.13 16.84 7.38
N ALA A 126 13.47 15.55 7.43
CA ALA A 126 14.86 15.13 7.45
C ALA A 126 15.20 14.44 6.13
N ALA A 127 16.36 14.78 5.58
CA ALA A 127 16.80 14.19 4.31
C ALA A 127 17.31 12.76 4.54
N PRO A 128 17.04 11.88 3.57
CA PRO A 128 17.51 10.48 3.65
C PRO A 128 19.00 10.34 3.43
N SER A 129 19.58 9.27 3.97
CA SER A 129 20.94 8.90 3.62
C SER A 129 20.90 7.54 2.92
N VAL A 130 21.27 7.52 1.63
CA VAL A 130 21.25 6.29 0.85
C VAL A 130 22.58 5.56 0.91
N TYR A 131 22.51 4.24 1.04
CA TYR A 131 23.71 3.43 1.14
C TYR A 131 23.65 2.22 0.21
N PRO A 132 24.66 2.05 -0.65
CA PRO A 132 24.75 0.88 -1.53
C PRO A 132 24.93 -0.39 -0.73
N LEU A 133 24.16 -1.42 -1.05
CA LEU A 133 24.27 -2.68 -0.33
C LEU A 133 24.89 -3.76 -1.22
N ALA A 134 26.22 -3.85 -1.17
CA ALA A 134 26.94 -4.84 -1.95
C ALA A 134 26.95 -6.19 -1.23
N PRO A 135 27.05 -7.28 -2.00
CA PRO A 135 27.13 -8.62 -1.41
C PRO A 135 28.38 -8.82 -0.57
N VAL A 136 28.38 -9.86 0.26
CA VAL A 136 29.54 -10.19 1.07
C VAL A 136 30.73 -10.54 0.18
N SER A 143 25.21 -18.10 -9.70
CA SER A 143 24.04 -18.23 -10.55
C SER A 143 23.31 -16.90 -10.71
N SER A 144 22.89 -16.32 -9.59
CA SER A 144 22.18 -15.04 -9.60
C SER A 144 22.50 -14.23 -8.35
N VAL A 145 22.97 -13.01 -8.55
CA VAL A 145 23.35 -12.13 -7.44
C VAL A 145 22.29 -11.07 -7.17
N THR A 146 21.97 -10.85 -5.89
CA THR A 146 21.03 -9.81 -5.52
C THR A 146 21.77 -8.60 -4.96
N LEU A 147 21.39 -7.41 -5.40
CA LEU A 147 21.97 -6.16 -4.90
C LEU A 147 20.93 -5.41 -4.09
N GLY A 148 21.37 -4.42 -3.31
CA GLY A 148 20.47 -3.69 -2.43
C GLY A 148 20.73 -2.20 -2.32
N CYS A 149 19.70 -1.48 -1.89
CA CYS A 149 19.79 -0.03 -1.69
C CYS A 149 18.98 0.39 -0.46
N LEU A 150 19.67 0.98 0.51
CA LEU A 150 19.05 1.34 1.77
C LEU A 150 18.82 2.85 1.92
N VAL A 151 17.56 3.23 2.02
CA VAL A 151 17.19 4.64 2.22
C VAL A 151 16.75 4.83 3.67
N LYS A 152 17.67 5.31 4.51
CA LYS A 152 17.45 5.35 5.96
C LYS A 152 17.37 6.76 6.53
N GLY A 153 16.40 6.98 7.42
CA GLY A 153 16.33 8.19 8.21
C GLY A 153 15.72 9.40 7.50
N TYR A 154 14.63 9.19 6.78
CA TYR A 154 13.98 10.30 6.11
C TYR A 154 12.57 10.53 6.64
N PHE A 155 12.07 11.74 6.41
CA PHE A 155 10.77 12.18 6.92
C PHE A 155 10.31 13.40 6.15
N PRO A 156 9.04 13.42 5.70
CA PRO A 156 8.08 12.33 5.81
C PRO A 156 8.03 11.51 4.52
N GLU A 157 7.04 10.65 4.40
CA GLU A 157 6.78 9.94 3.15
C GLU A 157 6.45 10.94 2.04
N PRO A 158 6.70 10.58 0.78
CA PRO A 158 7.26 9.31 0.31
C PRO A 158 8.67 9.49 -0.23
N VAL A 159 9.09 8.54 -1.05
CA VAL A 159 10.35 8.62 -1.75
C VAL A 159 10.27 7.69 -2.97
N THR A 160 10.78 8.16 -4.10
CA THR A 160 10.81 7.33 -5.31
C THR A 160 12.14 6.62 -5.42
N LEU A 161 12.11 5.37 -5.90
CA LEU A 161 13.34 4.58 -6.03
C LEU A 161 13.37 3.78 -7.33
N THR A 162 14.38 4.02 -8.15
CA THR A 162 14.66 3.18 -9.32
C THR A 162 16.16 2.80 -9.32
N TRP A 163 16.55 1.88 -10.21
CA TRP A 163 17.93 1.40 -10.24
C TRP A 163 18.75 1.96 -11.41
N ASN A 164 18.44 1.54 -12.63
CA ASN A 164 19.10 2.10 -13.79
C ASN A 164 18.23 3.16 -14.44
N SER A 165 17.91 4.18 -13.65
CA SER A 165 17.05 5.28 -14.06
C SER A 165 15.69 4.77 -14.55
N GLY A 166 15.24 3.67 -13.95
CA GLY A 166 13.95 3.09 -14.26
C GLY A 166 14.00 2.00 -15.31
N SER A 167 15.15 1.86 -15.95
CA SER A 167 15.29 0.90 -17.04
C SER A 167 15.25 -0.54 -16.50
N LEU A 168 15.94 -0.78 -15.40
CA LEU A 168 15.93 -2.10 -14.77
C LEU A 168 14.79 -2.20 -13.77
N SER A 169 13.68 -2.77 -14.22
CA SER A 169 12.46 -2.82 -13.42
C SER A 169 12.14 -4.24 -12.95
N SER A 170 12.49 -5.22 -13.77
CA SER A 170 12.20 -6.61 -13.43
C SER A 170 13.16 -7.14 -12.37
N GLY A 171 12.65 -8.01 -11.51
CA GLY A 171 13.46 -8.62 -10.46
C GLY A 171 13.71 -7.67 -9.31
N VAL A 172 12.84 -6.68 -9.15
CA VAL A 172 13.01 -5.68 -8.10
C VAL A 172 11.94 -5.81 -7.02
N HIS A 173 12.39 -5.77 -5.77
CA HIS A 173 11.48 -5.74 -4.63
C HIS A 173 11.74 -4.48 -3.79
N THR A 174 10.90 -3.48 -3.97
CA THR A 174 10.97 -2.27 -3.16
C THR A 174 9.96 -2.37 -2.01
N PHE A 175 10.49 -2.43 -0.79
CA PHE A 175 9.69 -2.70 0.40
C PHE A 175 9.07 -1.44 0.98
N PRO A 176 7.86 -1.56 1.55
CA PRO A 176 7.19 -0.42 2.22
C PRO A 176 8.05 0.17 3.33
N ALA A 177 7.96 1.49 3.50
CA ALA A 177 8.71 2.16 4.55
C ALA A 177 8.18 1.82 5.94
N VAL A 178 9.07 1.79 6.92
CA VAL A 178 8.69 1.50 8.30
C VAL A 178 9.31 2.53 9.24
N LEU A 179 8.59 2.90 10.29
CA LEU A 179 9.09 3.89 11.24
C LEU A 179 10.07 3.30 12.24
N GLN A 180 11.00 4.12 12.70
CA GLN A 180 11.88 3.77 13.80
C GLN A 180 12.35 5.05 14.51
N SER A 181 11.74 5.33 15.66
CA SER A 181 11.98 6.57 16.39
C SER A 181 11.65 7.79 15.51
N ASP A 182 10.42 7.80 14.99
CA ASP A 182 9.89 8.93 14.22
C ASP A 182 10.71 9.22 12.95
N LEU A 183 11.17 8.16 12.28
CA LEU A 183 11.92 8.29 11.02
C LEU A 183 11.69 7.07 10.12
N TYR A 184 11.55 7.33 8.82
CA TYR A 184 11.26 6.26 7.87
C TYR A 184 12.52 5.60 7.32
N THR A 185 12.43 4.29 7.10
CA THR A 185 13.51 3.54 6.49
C THR A 185 12.98 2.74 5.31
N LEU A 186 13.61 2.92 4.16
CA LEU A 186 13.16 2.31 2.92
C LEU A 186 14.23 1.33 2.45
N SER A 187 13.80 0.26 1.81
CA SER A 187 14.72 -0.78 1.39
C SER A 187 14.28 -1.37 0.06
N SER A 188 15.25 -1.71 -0.79
CA SER A 188 14.93 -2.30 -2.08
C SER A 188 16.03 -3.25 -2.53
N SER A 189 15.64 -4.35 -3.17
CA SER A 189 16.61 -5.32 -3.63
C SER A 189 16.34 -5.70 -5.08
N VAL A 190 17.41 -5.76 -5.86
CA VAL A 190 17.31 -6.14 -7.27
C VAL A 190 18.11 -7.43 -7.50
N THR A 191 17.52 -8.34 -8.26
CA THR A 191 18.18 -9.60 -8.55
C THR A 191 18.46 -9.72 -10.05
N VAL A 192 19.72 -9.93 -10.40
CA VAL A 192 20.16 -10.13 -11.78
C VAL A 192 21.13 -11.30 -11.87
N THR A 193 21.40 -11.77 -13.08
CA THR A 193 22.32 -12.89 -13.29
C THR A 193 23.74 -12.49 -12.89
N SER A 194 24.54 -13.49 -12.53
CA SER A 194 25.90 -13.26 -12.07
C SER A 194 26.82 -12.73 -13.18
N SER A 195 26.39 -12.89 -14.43
CA SER A 195 27.21 -12.44 -15.56
C SER A 195 26.96 -10.97 -15.88
N THR A 196 25.96 -10.38 -15.23
CA THR A 196 25.61 -8.99 -15.48
C THR A 196 26.28 -8.03 -14.50
N TRP A 197 26.61 -8.53 -13.31
CA TRP A 197 27.28 -7.72 -12.29
C TRP A 197 28.50 -8.46 -11.75
N PRO A 198 29.64 -7.75 -11.62
CA PRO A 198 29.79 -6.32 -11.88
C PRO A 198 30.26 -5.98 -13.29
N SER A 199 29.94 -6.81 -14.26
CA SER A 199 30.36 -6.55 -15.64
C SER A 199 29.61 -5.34 -16.20
N GLN A 200 28.39 -5.11 -15.70
CA GLN A 200 27.60 -3.96 -16.09
C GLN A 200 27.26 -3.10 -14.89
N SER A 201 27.34 -1.78 -15.04
CA SER A 201 27.08 -0.87 -13.93
C SER A 201 25.60 -0.81 -13.59
N ILE A 202 25.30 -0.56 -12.31
CA ILE A 202 23.92 -0.44 -11.85
C ILE A 202 23.87 0.40 -10.57
N THR A 203 23.17 1.53 -10.64
CA THR A 203 23.10 2.44 -9.52
C THR A 203 21.73 2.42 -8.86
N CYS A 204 21.46 3.43 -8.04
CA CYS A 204 20.22 3.51 -7.29
C CYS A 204 19.73 4.95 -7.27
N ASN A 205 18.58 5.19 -7.88
CA ASN A 205 18.05 6.54 -7.97
C ASN A 205 17.00 6.79 -6.90
N VAL A 206 17.38 7.59 -5.92
CA VAL A 206 16.48 7.92 -4.82
C VAL A 206 16.16 9.41 -4.85
N ALA A 207 14.87 9.72 -4.79
CA ALA A 207 14.45 11.12 -4.76
C ALA A 207 13.49 11.39 -3.60
N HIS A 208 13.88 12.33 -2.74
CA HIS A 208 13.02 12.79 -1.66
C HIS A 208 12.60 14.24 -1.88
N PRO A 209 11.41 14.46 -2.47
CA PRO A 209 10.97 15.79 -2.86
C PRO A 209 10.81 16.79 -1.70
N ALA A 210 10.31 16.32 -0.56
CA ALA A 210 10.07 17.20 0.59
C ALA A 210 11.34 17.90 1.06
N SER A 211 12.48 17.22 0.92
CA SER A 211 13.77 17.83 1.25
C SER A 211 14.51 18.20 -0.03
N SER A 212 13.85 18.01 -1.17
CA SER A 212 14.42 18.27 -2.49
C SER A 212 15.78 17.60 -2.67
N THR A 213 15.81 16.29 -2.47
CA THR A 213 17.05 15.52 -2.55
C THR A 213 16.95 14.39 -3.55
N LYS A 214 17.77 14.44 -4.59
CA LYS A 214 17.85 13.35 -5.56
C LYS A 214 19.30 12.91 -5.72
N VAL A 215 19.61 11.69 -5.30
CA VAL A 215 20.98 11.18 -5.36
C VAL A 215 21.09 9.80 -5.99
N ASP A 216 22.30 9.48 -6.44
CA ASP A 216 22.58 8.19 -7.08
C ASP A 216 23.75 7.49 -6.39
N LYS A 217 23.60 6.19 -6.16
CA LYS A 217 24.66 5.41 -5.54
C LYS A 217 24.94 4.12 -6.30
N LYS A 218 26.06 4.08 -7.02
CA LYS A 218 26.49 2.89 -7.75
C LYS A 218 26.87 1.77 -6.79
N ILE A 219 26.35 0.58 -7.04
CA ILE A 219 26.69 -0.58 -6.21
C ILE A 219 28.10 -1.06 -6.52
N GLU A 220 29.01 -0.79 -5.59
CA GLU A 220 30.43 -1.12 -5.74
C GLU A 220 30.78 -2.40 -4.96
N PRO A 221 31.58 -3.28 -5.57
CA PRO A 221 32.08 -4.48 -4.88
C PRO A 221 32.93 -4.12 -3.67
N ARG A 222 32.92 -4.98 -2.66
CA ARG A 222 33.64 -4.73 -1.41
C ARG A 222 35.13 -5.13 -1.50
N ASP B 1 -26.59 4.49 12.26
CA ASP B 1 -25.71 4.13 11.16
C ASP B 1 -25.87 2.66 10.80
N ILE B 2 -25.81 2.36 9.50
CA ILE B 2 -25.85 0.97 9.07
C ILE B 2 -24.46 0.35 9.18
N VAL B 3 -24.37 -0.76 9.89
CA VAL B 3 -23.07 -1.41 10.05
C VAL B 3 -22.91 -2.58 9.09
N MET B 4 -21.89 -2.50 8.25
CA MET B 4 -21.56 -3.56 7.32
C MET B 4 -20.52 -4.49 7.94
N THR B 5 -20.77 -5.79 7.85
CA THR B 5 -19.90 -6.77 8.48
C THR B 5 -19.39 -7.81 7.49
N GLN B 6 -18.07 -7.96 7.43
CA GLN B 6 -17.44 -9.04 6.69
C GLN B 6 -16.67 -9.90 7.70
N ALA B 7 -17.22 -11.07 8.01
CA ALA B 7 -16.70 -11.91 9.11
C ALA B 7 -15.28 -12.40 8.83
N ALA B 8 -15.06 -12.93 7.63
CA ALA B 8 -13.76 -13.45 7.24
C ALA B 8 -12.78 -12.32 6.86
N PRO B 9 -11.65 -12.24 7.57
CA PRO B 9 -10.60 -11.26 7.26
C PRO B 9 -9.70 -11.71 6.11
N SER B 10 -9.64 -13.02 5.88
CA SER B 10 -8.84 -13.59 4.79
C SER B 10 -9.36 -14.95 4.37
N VAL B 11 -9.28 -15.22 3.06
CA VAL B 11 -9.65 -16.53 2.54
C VAL B 11 -8.54 -17.08 1.65
N PRO B 12 -7.96 -18.23 2.03
CA PRO B 12 -6.90 -18.88 1.23
C PRO B 12 -7.46 -19.68 0.06
N VAL B 13 -7.08 -19.33 -1.18
CA VAL B 13 -7.69 -19.94 -2.37
C VAL B 13 -6.70 -20.34 -3.47
N THR B 14 -6.70 -21.61 -3.86
CA THR B 14 -5.82 -22.05 -4.93
C THR B 14 -6.41 -21.67 -6.30
N PRO B 15 -5.55 -21.20 -7.22
CA PRO B 15 -6.01 -20.64 -8.50
C PRO B 15 -6.77 -21.64 -9.37
N GLY B 16 -7.91 -21.19 -9.88
CA GLY B 16 -8.75 -22.03 -10.72
C GLY B 16 -10.05 -22.38 -10.04
N GLU B 17 -10.09 -22.25 -8.72
CA GLU B 17 -11.28 -22.58 -7.96
C GLU B 17 -12.06 -21.34 -7.58
N SER B 18 -13.29 -21.54 -7.12
CA SER B 18 -14.21 -20.45 -6.84
C SER B 18 -14.14 -19.99 -5.38
N VAL B 19 -14.49 -18.72 -5.15
CA VAL B 19 -14.53 -18.16 -3.80
C VAL B 19 -15.81 -17.39 -3.54
N SER B 20 -16.24 -17.39 -2.28
CA SER B 20 -17.36 -16.54 -1.90
C SER B 20 -16.99 -15.62 -0.74
N ILE B 21 -17.08 -14.31 -0.99
CA ILE B 21 -16.88 -13.31 0.05
C ILE B 21 -18.23 -12.88 0.61
N SER B 22 -18.39 -13.00 1.92
CA SER B 22 -19.68 -12.69 2.56
C SER B 22 -19.71 -11.32 3.19
N CYS B 23 -20.91 -10.74 3.18
CA CYS B 23 -21.15 -9.44 3.78
C CYS B 23 -22.57 -9.42 4.33
N ARG B 24 -22.72 -9.04 5.60
CA ARG B 24 -24.04 -8.87 6.18
C ARG B 24 -24.22 -7.42 6.63
N SER B 25 -25.45 -6.94 6.55
CA SER B 25 -25.76 -5.57 6.96
C SER B 25 -26.67 -5.60 8.19
N SER B 26 -26.66 -4.52 8.96
CA SER B 26 -27.50 -4.42 10.15
C SER B 26 -28.95 -4.09 9.80
N LYS B 27 -29.21 -3.79 8.54
CA LYS B 27 -30.54 -3.42 8.08
C LYS B 27 -30.69 -3.83 6.62
N SER B 28 -31.93 -4.09 6.19
CA SER B 28 -32.20 -4.43 4.81
C SER B 28 -31.78 -3.30 3.87
N LEU B 29 -31.10 -3.66 2.79
CA LEU B 29 -30.65 -2.68 1.80
C LEU B 29 -31.56 -2.66 0.58
N LEU B 30 -32.75 -3.24 0.72
CA LEU B 30 -33.73 -3.24 -0.36
C LEU B 30 -34.46 -1.90 -0.40
N HIS B 31 -34.42 -1.25 -1.56
CA HIS B 31 -35.10 0.01 -1.77
C HIS B 31 -36.45 -0.24 -2.43
N SER B 32 -37.43 0.63 -2.18
CA SER B 32 -38.77 0.51 -2.73
C SER B 32 -38.78 0.42 -4.26
N ASN B 33 -37.74 0.97 -4.89
CA ASN B 33 -37.68 0.98 -6.35
C ASN B 33 -37.20 -0.33 -6.95
N GLY B 34 -36.98 -1.34 -6.08
CA GLY B 34 -36.60 -2.66 -6.54
C GLY B 34 -35.12 -2.98 -6.41
N ASN B 35 -34.29 -1.95 -6.43
CA ASN B 35 -32.85 -2.17 -6.33
C ASN B 35 -32.39 -2.41 -4.91
N THR B 36 -31.23 -3.04 -4.78
CA THR B 36 -30.61 -3.29 -3.49
C THR B 36 -29.29 -2.55 -3.49
N TYR B 37 -29.10 -1.69 -2.50
CA TYR B 37 -27.99 -0.74 -2.54
C TYR B 37 -26.76 -1.23 -1.78
N LEU B 38 -26.28 -2.38 -2.24
CA LEU B 38 -25.06 -2.98 -1.73
C LEU B 38 -23.98 -2.82 -2.78
N TYR B 39 -22.75 -2.51 -2.34
CA TYR B 39 -21.67 -2.25 -3.27
C TYR B 39 -20.42 -3.04 -2.93
N TRP B 40 -19.80 -3.64 -3.95
CA TRP B 40 -18.50 -4.29 -3.77
C TRP B 40 -17.39 -3.48 -4.41
N PHE B 41 -16.34 -3.24 -3.65
CA PHE B 41 -15.13 -2.61 -4.17
C PHE B 41 -13.92 -3.51 -4.01
N LEU B 42 -12.94 -3.34 -4.90
CA LEU B 42 -11.68 -4.07 -4.80
C LEU B 42 -10.52 -3.10 -4.69
N GLN B 43 -9.59 -3.38 -3.78
CA GLN B 43 -8.34 -2.61 -3.72
C GLN B 43 -7.11 -3.50 -3.91
N ARG B 44 -6.55 -3.44 -5.12
CA ARG B 44 -5.32 -4.16 -5.41
C ARG B 44 -4.14 -3.56 -4.64
N PRO B 45 -3.12 -4.37 -4.37
CA PRO B 45 -1.95 -3.85 -3.64
C PRO B 45 -1.28 -2.68 -4.34
N GLY B 46 -1.15 -1.56 -3.63
CA GLY B 46 -0.46 -0.38 -4.14
C GLY B 46 -1.33 0.47 -5.05
N GLN B 47 -2.59 0.07 -5.16
CA GLN B 47 -3.54 0.69 -6.07
C GLN B 47 -4.65 1.43 -5.34
N SER B 48 -5.45 2.17 -6.09
CA SER B 48 -6.66 2.77 -5.53
C SER B 48 -7.80 1.78 -5.62
N PRO B 49 -8.78 1.88 -4.70
CA PRO B 49 -9.98 1.06 -4.78
C PRO B 49 -10.65 1.18 -6.15
N GLN B 50 -11.28 0.11 -6.62
CA GLN B 50 -12.01 0.17 -7.87
C GLN B 50 -13.39 -0.44 -7.70
N LEU B 51 -14.37 0.12 -8.39
CA LEU B 51 -15.73 -0.39 -8.32
C LEU B 51 -15.81 -1.76 -9.01
N LEU B 52 -16.39 -2.72 -8.30
CA LEU B 52 -16.45 -4.08 -8.80
C LEU B 52 -17.89 -4.39 -9.19
N ILE B 53 -18.77 -4.26 -8.20
CA ILE B 53 -20.19 -4.45 -8.42
C ILE B 53 -21.00 -3.30 -7.81
N TYR B 54 -21.92 -2.77 -8.59
CA TYR B 54 -22.79 -1.70 -8.10
C TYR B 54 -24.23 -2.19 -7.99
N ARG B 55 -24.87 -1.85 -6.87
CA ARG B 55 -26.24 -2.26 -6.57
C ARG B 55 -26.43 -3.77 -6.63
N MET B 56 -25.68 -4.46 -5.77
CA MET B 56 -25.78 -5.90 -5.48
C MET B 56 -25.31 -6.84 -6.57
N SER B 57 -25.83 -6.70 -7.79
CA SER B 57 -25.55 -7.72 -8.81
C SER B 57 -25.04 -7.18 -10.14
N ASN B 58 -24.85 -5.87 -10.24
CA ASN B 58 -24.41 -5.31 -11.52
C ASN B 58 -22.91 -5.06 -11.57
N LEU B 59 -22.27 -5.64 -12.57
CA LEU B 59 -20.83 -5.50 -12.76
C LEU B 59 -20.51 -4.15 -13.36
N ALA B 60 -19.47 -3.51 -12.85
CA ALA B 60 -18.99 -2.24 -13.40
C ALA B 60 -18.27 -2.51 -14.71
N SER B 61 -17.95 -1.45 -15.45
CA SER B 61 -17.24 -1.58 -16.73
C SER B 61 -15.93 -2.35 -16.62
N GLY B 62 -15.79 -3.35 -17.49
CA GLY B 62 -14.52 -4.05 -17.65
C GLY B 62 -14.31 -5.16 -16.65
N VAL B 63 -15.25 -5.28 -15.71
CA VAL B 63 -15.16 -6.26 -14.65
C VAL B 63 -15.37 -7.66 -15.22
N PRO B 64 -14.42 -8.57 -14.96
CA PRO B 64 -14.46 -9.91 -15.56
C PRO B 64 -15.74 -10.65 -15.26
N ASP B 65 -16.19 -11.44 -16.23
CA ASP B 65 -17.37 -12.28 -16.11
C ASP B 65 -17.30 -13.21 -14.91
N ARG B 66 -16.08 -13.52 -14.47
CA ARG B 66 -15.85 -14.42 -13.35
C ARG B 66 -16.49 -13.94 -12.05
N PHE B 67 -16.70 -12.64 -11.96
CA PHE B 67 -17.32 -12.04 -10.78
C PHE B 67 -18.83 -12.05 -10.90
N SER B 68 -19.51 -12.22 -9.77
CA SER B 68 -20.95 -12.09 -9.73
C SER B 68 -21.39 -11.69 -8.33
N GLY B 69 -22.57 -11.09 -8.24
CA GLY B 69 -23.07 -10.64 -6.97
C GLY B 69 -24.48 -11.13 -6.74
N SER B 70 -24.75 -11.55 -5.51
CA SER B 70 -26.10 -11.95 -5.15
C SER B 70 -26.36 -11.64 -3.69
N GLY B 71 -27.55 -11.98 -3.23
CA GLY B 71 -27.90 -11.78 -1.84
C GLY B 71 -29.39 -11.57 -1.63
N SER B 72 -29.81 -11.64 -0.37
CA SER B 72 -31.19 -11.35 -0.01
C SER B 72 -31.33 -9.89 0.42
N GLY B 73 -31.69 -9.68 1.69
CA GLY B 73 -31.85 -8.35 2.23
C GLY B 73 -30.80 -8.04 3.26
N THR B 74 -30.32 -9.08 3.94
CA THR B 74 -29.31 -8.94 4.97
C THR B 74 -27.97 -9.54 4.55
N ALA B 75 -28.02 -10.74 3.97
CA ALA B 75 -26.81 -11.46 3.58
C ALA B 75 -26.49 -11.26 2.10
N PHE B 76 -25.23 -10.96 1.79
CA PHE B 76 -24.80 -10.76 0.42
C PHE B 76 -23.54 -11.55 0.13
N THR B 77 -23.37 -11.97 -1.12
CA THR B 77 -22.23 -12.79 -1.48
C THR B 77 -21.58 -12.30 -2.77
N LEU B 78 -20.27 -12.12 -2.73
CA LEU B 78 -19.48 -11.92 -3.93
C LEU B 78 -18.83 -13.24 -4.30
N ARG B 79 -19.31 -13.88 -5.37
CA ARG B 79 -18.71 -15.12 -5.85
C ARG B 79 -17.65 -14.83 -6.90
N ILE B 80 -16.42 -15.18 -6.59
CA ILE B 80 -15.33 -15.07 -7.55
C ILE B 80 -15.00 -16.46 -8.08
N SER B 81 -15.56 -16.82 -9.23
CA SER B 81 -15.28 -18.16 -9.75
C SER B 81 -13.97 -18.16 -10.53
N LYS B 82 -13.22 -19.26 -10.41
CA LYS B 82 -11.95 -19.44 -11.10
C LYS B 82 -11.00 -18.27 -10.84
N VAL B 83 -10.45 -18.26 -9.63
CA VAL B 83 -9.57 -17.18 -9.20
C VAL B 83 -8.26 -17.17 -9.97
N GLU B 84 -7.83 -15.97 -10.37
CA GLU B 84 -6.55 -15.79 -11.04
C GLU B 84 -5.58 -15.10 -10.09
N ALA B 85 -4.31 -15.08 -10.45
CA ALA B 85 -3.29 -14.51 -9.59
C ALA B 85 -3.46 -13.01 -9.39
N GLU B 86 -4.11 -12.34 -10.34
CA GLU B 86 -4.27 -10.89 -10.23
C GLU B 86 -5.55 -10.49 -9.46
N ASP B 87 -6.23 -11.48 -8.87
CA ASP B 87 -7.41 -11.17 -8.06
C ASP B 87 -7.01 -10.80 -6.63
N VAL B 88 -5.73 -10.92 -6.32
CA VAL B 88 -5.22 -10.61 -4.98
C VAL B 88 -5.55 -9.18 -4.59
N GLY B 89 -5.94 -8.99 -3.33
CA GLY B 89 -6.28 -7.66 -2.84
C GLY B 89 -7.36 -7.74 -1.77
N VAL B 90 -7.85 -6.58 -1.35
CA VAL B 90 -8.88 -6.54 -0.32
C VAL B 90 -10.23 -6.17 -0.91
N TYR B 91 -11.24 -6.97 -0.57
CA TYR B 91 -12.59 -6.74 -1.07
C TYR B 91 -13.46 -6.12 0.01
N TYR B 92 -14.05 -4.97 -0.29
CA TYR B 92 -14.91 -4.26 0.66
C TYR B 92 -16.35 -4.25 0.19
N CYS B 93 -17.27 -4.40 1.13
CA CYS B 93 -18.67 -4.13 0.81
C CYS B 93 -19.03 -2.74 1.29
N MET B 94 -20.11 -2.20 0.76
CA MET B 94 -20.51 -0.82 1.05
C MET B 94 -22.00 -0.67 0.80
N GLN B 95 -22.69 0.01 1.72
CA GLN B 95 -24.11 0.26 1.54
C GLN B 95 -24.32 1.68 1.05
N HIS B 96 -25.25 1.84 0.12
CA HIS B 96 -25.49 3.13 -0.49
C HIS B 96 -26.93 3.60 -0.25
N LEU B 97 -27.58 3.01 0.76
CA LEU B 97 -29.00 3.21 0.97
C LEU B 97 -29.32 4.44 1.82
N GLU B 98 -28.62 4.57 2.94
CA GLU B 98 -28.92 5.59 3.94
C GLU B 98 -27.66 6.37 4.31
N TYR B 99 -27.86 7.60 4.79
CA TYR B 99 -26.75 8.40 5.31
C TYR B 99 -26.48 8.07 6.77
N PRO B 100 -25.20 8.00 7.16
CA PRO B 100 -24.04 8.10 6.26
C PRO B 100 -23.74 6.77 5.58
N TYR B 101 -23.12 6.83 4.41
CA TYR B 101 -22.69 5.61 3.73
C TYR B 101 -21.59 4.94 4.53
N THR B 102 -21.61 3.62 4.59
CA THR B 102 -20.63 2.90 5.38
C THR B 102 -20.06 1.68 4.65
N PHE B 103 -18.84 1.32 5.02
CA PHE B 103 -18.10 0.24 4.37
C PHE B 103 -17.91 -0.94 5.31
N GLY B 104 -17.76 -2.13 4.74
CA GLY B 104 -17.36 -3.28 5.51
C GLY B 104 -15.90 -3.17 5.93
N GLY B 105 -15.46 -4.11 6.77
CA GLY B 105 -14.08 -4.13 7.23
C GLY B 105 -13.13 -4.54 6.12
N GLY B 106 -13.62 -5.31 5.16
CA GLY B 106 -12.81 -5.76 4.05
C GLY B 106 -12.26 -7.15 4.25
N THR B 107 -12.22 -7.92 3.17
CA THR B 107 -11.69 -9.28 3.20
C THR B 107 -10.50 -9.38 2.25
N LYS B 108 -9.34 -9.72 2.80
CA LYS B 108 -8.14 -9.91 1.99
C LYS B 108 -8.19 -11.24 1.27
N LEU B 109 -8.00 -11.21 -0.04
CA LEU B 109 -7.95 -12.44 -0.83
C LEU B 109 -6.49 -12.83 -1.07
N ASP B 110 -6.13 -14.03 -0.64
CA ASP B 110 -4.78 -14.55 -0.81
C ASP B 110 -4.82 -15.76 -1.72
N VAL B 111 -3.97 -15.76 -2.75
CA VAL B 111 -3.92 -16.88 -3.69
C VAL B 111 -2.98 -17.97 -3.19
N LYS B 112 -3.52 -19.18 -3.06
CA LYS B 112 -2.75 -20.32 -2.59
C LYS B 112 -1.97 -20.96 -3.74
N ARG B 113 -0.73 -20.53 -3.92
CA ARG B 113 0.17 -21.12 -4.91
C ARG B 113 0.99 -22.25 -4.30
N ALA B 114 1.83 -22.87 -5.11
CA ALA B 114 2.74 -23.91 -4.62
C ALA B 114 3.74 -23.32 -3.64
N ASP B 115 3.99 -24.04 -2.56
CA ASP B 115 4.90 -23.58 -1.52
C ASP B 115 6.28 -23.29 -2.11
N ALA B 116 6.80 -22.11 -1.81
CA ALA B 116 8.10 -21.69 -2.32
C ALA B 116 9.02 -21.30 -1.17
N ALA B 117 10.25 -21.81 -1.22
CA ALA B 117 11.25 -21.47 -0.22
C ALA B 117 11.80 -20.06 -0.44
N PRO B 118 12.09 -19.35 0.65
CA PRO B 118 12.68 -18.01 0.62
C PRO B 118 14.10 -17.99 0.05
N THR B 119 14.38 -17.04 -0.83
CA THR B 119 15.75 -16.79 -1.27
C THR B 119 16.37 -15.73 -0.38
N VAL B 120 17.33 -16.14 0.46
CA VAL B 120 17.90 -15.26 1.47
C VAL B 120 19.24 -14.66 1.07
N SER B 121 19.39 -13.35 1.27
CA SER B 121 20.65 -12.68 1.02
C SER B 121 20.96 -11.69 2.15
N ILE B 122 22.13 -11.84 2.76
CA ILE B 122 22.52 -10.94 3.84
C ILE B 122 23.52 -9.91 3.33
N PHE B 123 23.43 -8.70 3.87
CA PHE B 123 24.23 -7.57 3.41
C PHE B 123 24.85 -6.80 4.59
N PRO B 124 26.19 -6.80 4.67
CA PRO B 124 26.89 -6.02 5.69
C PRO B 124 26.65 -4.53 5.49
N PRO B 125 26.79 -3.71 6.55
CA PRO B 125 26.59 -2.27 6.41
C PRO B 125 27.57 -1.66 5.40
N SER B 126 27.12 -0.65 4.67
CA SER B 126 27.95 0.02 3.68
C SER B 126 29.08 0.80 4.34
N SER B 127 30.12 1.11 3.57
CA SER B 127 31.24 1.89 4.08
C SER B 127 30.81 3.34 4.35
N GLU B 128 29.88 3.84 3.55
CA GLU B 128 29.38 5.21 3.72
C GLU B 128 28.64 5.37 5.03
N GLN B 129 28.01 4.30 5.50
CA GLN B 129 27.21 4.35 6.72
C GLN B 129 28.08 4.25 7.98
N LEU B 130 29.17 3.49 7.88
CA LEU B 130 30.11 3.35 8.99
C LEU B 130 30.91 4.63 9.20
N THR B 131 31.12 5.38 8.13
CA THR B 131 31.85 6.64 8.21
C THR B 131 31.09 7.67 9.05
N SER B 132 29.77 7.69 8.91
CA SER B 132 28.94 8.64 9.64
C SER B 132 28.34 8.03 10.89
N GLY B 133 28.88 6.89 11.33
CA GLY B 133 28.38 6.22 12.51
C GLY B 133 27.12 5.41 12.24
N GLY B 134 26.89 4.37 13.02
CA GLY B 134 25.75 3.51 12.83
C GLY B 134 25.99 2.46 11.77
N ALA B 135 25.44 1.27 11.97
CA ALA B 135 25.60 0.17 11.04
C ALA B 135 24.32 -0.65 10.91
N SER B 136 23.78 -0.70 9.69
CA SER B 136 22.58 -1.48 9.43
C SER B 136 22.91 -2.77 8.69
N VAL B 137 22.54 -3.90 9.29
CA VAL B 137 22.71 -5.20 8.64
C VAL B 137 21.41 -5.60 7.95
N VAL B 138 21.43 -5.61 6.61
CA VAL B 138 20.20 -5.83 5.86
C VAL B 138 20.06 -7.27 5.35
N CYS B 139 18.90 -7.86 5.60
CA CYS B 139 18.62 -9.23 5.17
C CYS B 139 17.33 -9.30 4.36
N PHE B 140 17.45 -9.72 3.09
CA PHE B 140 16.31 -9.89 2.22
C PHE B 140 15.85 -11.35 2.17
N LEU B 141 14.54 -11.55 2.17
CA LEU B 141 13.97 -12.87 1.97
C LEU B 141 12.90 -12.77 0.90
N ASN B 142 13.24 -13.13 -0.34
CA ASN B 142 12.37 -12.84 -1.47
C ASN B 142 11.70 -14.07 -2.10
N ASN B 143 10.50 -13.84 -2.64
CA ASN B 143 9.73 -14.83 -3.40
C ASN B 143 9.48 -16.13 -2.65
N PHE B 144 8.71 -16.06 -1.57
CA PHE B 144 8.38 -17.25 -0.79
C PHE B 144 6.87 -17.36 -0.52
N TYR B 145 6.44 -18.57 -0.19
CA TYR B 145 5.05 -18.84 0.12
C TYR B 145 4.94 -20.15 0.90
N PRO B 146 4.09 -20.18 1.95
CA PRO B 146 3.17 -19.13 2.41
C PRO B 146 3.85 -17.95 3.11
N LYS B 147 3.04 -16.99 3.53
CA LYS B 147 3.53 -15.76 4.14
C LYS B 147 4.15 -16.01 5.51
N ASP B 148 3.66 -17.03 6.20
CA ASP B 148 4.14 -17.37 7.55
C ASP B 148 5.63 -17.75 7.54
N ILE B 149 6.45 -16.95 8.21
CA ILE B 149 7.88 -17.22 8.29
C ILE B 149 8.54 -16.42 9.43
N ASN B 150 9.43 -17.09 10.16
CA ASN B 150 10.12 -16.44 11.27
C ASN B 150 11.57 -16.13 10.93
N VAL B 151 11.98 -14.89 11.19
CA VAL B 151 13.34 -14.47 10.93
C VAL B 151 14.08 -14.20 12.25
N LYS B 152 15.17 -14.93 12.46
CA LYS B 152 15.95 -14.81 13.69
C LYS B 152 17.32 -14.22 13.39
N TRP B 153 17.82 -13.38 14.30
CA TRP B 153 19.12 -12.73 14.13
C TRP B 153 20.12 -13.17 15.18
N LYS B 154 21.08 -14.00 14.80
CA LYS B 154 22.12 -14.45 15.71
C LYS B 154 23.42 -13.69 15.46
N ILE B 155 23.97 -13.10 16.51
CA ILE B 155 25.24 -12.39 16.39
C ILE B 155 26.39 -13.26 16.87
N ASP B 156 26.43 -13.52 18.17
CA ASP B 156 27.44 -14.43 18.72
C ASP B 156 26.77 -15.49 19.59
N ARG B 160 21.34 -13.80 19.45
CA ARG B 160 19.95 -13.38 19.42
C ARG B 160 19.75 -12.02 20.09
N GLN B 161 19.47 -10.99 19.31
CA GLN B 161 19.24 -9.65 19.85
C GLN B 161 18.02 -8.98 19.23
N ASN B 162 17.83 -7.70 19.54
CA ASN B 162 16.71 -6.93 19.05
C ASN B 162 17.15 -5.70 18.26
N GLY B 163 16.23 -4.76 18.06
CA GLY B 163 16.51 -3.59 17.24
C GLY B 163 16.29 -3.87 15.77
N VAL B 164 15.45 -4.87 15.50
CA VAL B 164 15.20 -5.32 14.14
C VAL B 164 14.00 -4.61 13.52
N LEU B 165 14.16 -4.16 12.28
CA LEU B 165 13.08 -3.52 11.55
C LEU B 165 12.67 -4.39 10.35
N ASN B 166 11.46 -4.95 10.43
CA ASN B 166 10.96 -5.84 9.39
C ASN B 166 9.95 -5.16 8.46
N SER B 167 9.92 -5.59 7.21
CA SER B 167 8.96 -5.06 6.22
C SER B 167 8.56 -6.14 5.22
N TRP B 168 7.25 -6.26 4.97
CA TRP B 168 6.73 -7.24 4.00
C TRP B 168 6.15 -6.55 2.78
N THR B 169 6.32 -7.18 1.63
CA THR B 169 5.59 -6.75 0.44
C THR B 169 4.24 -7.46 0.41
N ASP B 170 3.30 -6.90 -0.33
CA ASP B 170 2.03 -7.56 -0.56
C ASP B 170 2.26 -8.77 -1.46
N GLN B 171 1.26 -9.64 -1.55
CA GLN B 171 1.36 -10.78 -2.44
C GLN B 171 1.42 -10.30 -3.89
N ASP B 172 2.44 -10.77 -4.61
CA ASP B 172 2.67 -10.36 -5.99
C ASP B 172 1.52 -10.75 -6.92
N SER B 173 1.16 -9.85 -7.84
CA SER B 173 0.04 -10.06 -8.75
C SER B 173 0.33 -11.16 -9.77
N LYS B 174 1.61 -11.39 -10.05
CA LYS B 174 2.02 -12.29 -11.11
C LYS B 174 2.36 -13.69 -10.60
N ASP B 175 3.31 -13.78 -9.67
CA ASP B 175 3.79 -15.09 -9.21
C ASP B 175 3.26 -15.50 -7.82
N SER B 176 2.34 -14.71 -7.29
CA SER B 176 1.67 -15.03 -6.02
C SER B 176 2.61 -15.28 -4.83
N THR B 177 3.77 -14.63 -4.82
CA THR B 177 4.74 -14.85 -3.74
C THR B 177 4.83 -13.68 -2.77
N TYR B 178 5.54 -13.88 -1.67
CA TYR B 178 5.79 -12.84 -0.68
C TYR B 178 7.28 -12.53 -0.58
N SER B 179 7.61 -11.33 -0.11
CA SER B 179 8.99 -10.96 0.14
C SER B 179 9.12 -10.10 1.40
N MET B 180 10.13 -10.40 2.21
CA MET B 180 10.34 -9.70 3.45
C MET B 180 11.76 -9.14 3.55
N SER B 181 11.88 -7.91 4.05
CA SER B 181 13.17 -7.29 4.24
C SER B 181 13.41 -7.00 5.71
N SER B 182 14.32 -7.76 6.32
CA SER B 182 14.65 -7.58 7.72
C SER B 182 15.94 -6.78 7.86
N THR B 183 15.92 -5.78 8.72
CA THR B 183 17.09 -4.93 8.92
C THR B 183 17.47 -4.82 10.39
N LEU B 184 18.66 -5.30 10.73
CA LEU B 184 19.19 -5.16 12.07
C LEU B 184 19.92 -3.83 12.20
N THR B 185 19.28 -2.88 12.87
CA THR B 185 19.84 -1.54 13.04
C THR B 185 20.68 -1.47 14.32
N LEU B 186 21.97 -1.25 14.16
CA LEU B 186 22.89 -1.21 15.29
C LEU B 186 23.74 0.05 15.27
N THR B 187 24.54 0.26 16.31
CA THR B 187 25.46 1.39 16.35
C THR B 187 26.84 0.94 15.90
N LYS B 188 27.67 1.89 15.47
CA LYS B 188 29.02 1.57 15.02
C LYS B 188 29.84 0.93 16.13
N ASP B 189 29.60 1.34 17.38
CA ASP B 189 30.32 0.80 18.53
C ASP B 189 29.87 -0.62 18.88
N GLU B 190 28.59 -0.92 18.67
CA GLU B 190 28.04 -2.25 18.95
C GLU B 190 28.35 -3.22 17.81
N TYR B 191 28.33 -2.70 16.58
CA TYR B 191 28.61 -3.54 15.41
C TYR B 191 30.05 -4.01 15.42
N GLU B 192 30.98 -3.06 15.54
CA GLU B 192 32.41 -3.36 15.46
C GLU B 192 32.94 -4.11 16.69
N ARG B 193 32.08 -4.29 17.69
CA ARG B 193 32.44 -4.99 18.91
C ARG B 193 32.24 -6.50 18.78
N HIS B 194 31.27 -6.89 17.96
CA HIS B 194 30.99 -8.30 17.72
C HIS B 194 31.43 -8.70 16.31
N ASN B 195 31.47 -10.00 16.05
CA ASN B 195 32.06 -10.49 14.80
C ASN B 195 31.05 -11.08 13.81
N SER B 196 30.51 -12.26 14.14
CA SER B 196 29.58 -12.94 13.24
C SER B 196 28.19 -12.33 13.24
N TYR B 197 27.52 -12.42 12.09
CA TYR B 197 26.15 -11.96 11.94
C TYR B 197 25.41 -12.91 11.00
N THR B 198 24.41 -13.61 11.53
CA THR B 198 23.67 -14.57 10.72
C THR B 198 22.22 -14.16 10.57
N CYS B 199 21.57 -14.71 9.55
CA CYS B 199 20.18 -14.41 9.29
C CYS B 199 19.39 -15.71 9.15
N GLU B 200 18.96 -16.24 10.29
CA GLU B 200 18.24 -17.51 10.33
C GLU B 200 16.78 -17.32 9.94
N ALA B 201 16.29 -18.16 9.03
CA ALA B 201 14.93 -18.07 8.55
C ALA B 201 14.23 -19.43 8.62
N THR B 202 13.15 -19.48 9.39
CA THR B 202 12.40 -20.72 9.51
C THR B 202 11.10 -20.64 8.71
N HIS B 203 10.92 -21.57 7.78
CA HIS B 203 9.74 -21.59 6.93
C HIS B 203 9.19 -23.01 6.84
N LYS B 204 7.96 -23.16 6.36
CA LYS B 204 7.34 -24.47 6.25
C LYS B 204 8.09 -25.35 5.25
N THR B 205 8.62 -24.74 4.20
CA THR B 205 9.47 -25.46 3.25
C THR B 205 10.92 -25.39 3.69
N SER B 206 11.25 -26.17 4.73
CA SER B 206 12.60 -26.18 5.27
C SER B 206 12.80 -27.35 6.24
N THR B 207 13.85 -28.12 6.02
CA THR B 207 14.29 -29.11 7.00
C THR B 207 14.75 -28.34 8.24
N SER B 208 16.02 -27.97 8.25
CA SER B 208 16.54 -27.00 9.21
C SER B 208 16.37 -25.61 8.60
N PRO B 209 16.43 -24.55 9.42
CA PRO B 209 16.21 -23.21 8.86
C PRO B 209 17.27 -22.82 7.83
N ILE B 210 16.92 -21.91 6.93
CA ILE B 210 17.88 -21.38 5.97
C ILE B 210 18.78 -20.35 6.66
N VAL B 211 20.09 -20.52 6.55
CA VAL B 211 21.03 -19.63 7.22
C VAL B 211 21.95 -18.91 6.23
N LYS B 212 21.95 -17.58 6.29
CA LYS B 212 22.90 -16.78 5.52
C LYS B 212 23.69 -15.86 6.45
N SER B 213 25.01 -16.05 6.49
CA SER B 213 25.83 -15.35 7.47
C SER B 213 27.13 -14.80 6.88
N PHE B 214 27.79 -13.95 7.65
CA PHE B 214 29.12 -13.44 7.32
C PHE B 214 29.88 -13.07 8.59
N ASN B 215 31.14 -12.69 8.47
CA ASN B 215 31.90 -12.19 9.61
C ASN B 215 32.55 -10.84 9.29
N ARG B 216 32.70 -9.99 10.30
CA ARG B 216 33.11 -8.60 10.11
C ARG B 216 34.44 -8.42 9.39
N ASN B 217 35.44 -9.18 9.80
CA ASN B 217 36.74 -9.10 9.13
C ASN B 217 37.10 -10.40 8.43
N GLU B 218 36.50 -10.61 7.26
CA GLU B 218 36.81 -11.76 6.42
C GLU B 218 36.92 -11.32 4.96
N CYS B 219 36.25 -10.22 4.63
CA CYS B 219 36.12 -9.77 3.24
C CYS B 219 35.97 -8.25 3.18
#